data_6SMB
#
_entry.id   6SMB
#
_cell.length_a   42.553
_cell.length_b   171.567
_cell.length_c   44.383
_cell.angle_alpha   90.000
_cell.angle_beta   94.090
_cell.angle_gamma   90.000
#
_symmetry.space_group_name_H-M   'P 1 21 1'
#
loop_
_entity.id
_entity.type
_entity.pdbx_description
1 polymer 'Tyrosine-protein kinase JAK1'
2 non-polymer ~{N}-[3-[2-[(3-methoxy-1-methyl-pyrazol-4-yl)amino]-5-methyl-pyrimidin-4-yl]-1~{H}-indol-7-yl]-2-methyl-pyridine-3-carboxamide
3 water water
#
_entity_poly.entity_id   1
_entity_poly.type   'polypeptide(L)'
_entity_poly.pdbx_seq_one_letter_code
;DIVSEKKPATEVDPTHFEKRFLKRIRDLGEGHFGKVELCRYDPEGDNTGEQVAVKSLKPESGGNHIADLKKEIEILRNLY
HENIVKYKGICTEDGGNGIKLIMEFLPSGSLKEYLPKNKNKINLKQQLKYAVQICKGMDYLGSRQYVHRDLAARNVLVES
EHQVKIGDFGLTKAIETDKE(PTR)(PTR)TVKDDRDSPVFWYAPECLMQSKFYIASDVWSFGVTLHELLTYCDSDSSPM
ALFLKMIGPTHGQMTVTRLVNTLKEGKRLPCPPNCPDEVYQLMRKCWEFQPSNRTSFQNLIEGFEALLK
;
_entity_poly.pdbx_strand_id   A,B
#
# COMPACT_ATOMS: atom_id res chain seq x y z
N THR A 10 24.96 -16.42 -47.02
CA THR A 10 24.41 -15.31 -46.23
C THR A 10 25.29 -14.98 -45.02
N GLU A 11 25.43 -13.67 -44.73
CA GLU A 11 26.28 -13.16 -43.64
C GLU A 11 25.69 -13.42 -42.25
N VAL A 12 26.60 -13.55 -41.26
CA VAL A 12 26.28 -13.79 -39.85
C VAL A 12 26.00 -12.41 -39.21
N ASP A 13 24.88 -12.30 -38.47
CA ASP A 13 24.45 -11.09 -37.78
C ASP A 13 25.19 -11.04 -36.41
N PRO A 14 25.95 -9.95 -36.10
CA PRO A 14 26.68 -9.89 -34.82
C PRO A 14 25.80 -9.67 -33.58
N THR A 15 24.50 -9.36 -33.79
CA THR A 15 23.51 -9.18 -32.70
C THR A 15 22.67 -10.45 -32.46
N HIS A 16 22.88 -11.51 -33.28
CA HIS A 16 22.15 -12.78 -33.14
C HIS A 16 22.99 -13.75 -32.30
N PHE A 17 22.50 -14.11 -31.11
CA PHE A 17 23.21 -14.99 -30.20
C PHE A 17 22.46 -16.31 -30.16
N GLU A 18 23.11 -17.38 -30.64
CA GLU A 18 22.53 -18.72 -30.65
C GLU A 18 22.45 -19.24 -29.21
N LYS A 19 21.25 -19.73 -28.81
CA LYS A 19 20.94 -20.34 -27.50
C LYS A 19 21.97 -21.44 -27.12
N ARG A 20 22.34 -22.31 -28.09
CA ARG A 20 23.31 -23.40 -27.85
C ARG A 20 24.69 -22.87 -27.40
N PHE A 21 25.09 -21.67 -27.85
CA PHE A 21 26.38 -21.11 -27.47
C PHE A 21 26.29 -20.17 -26.27
N LEU A 22 25.10 -20.01 -25.65
CA LEU A 22 24.88 -19.11 -24.50
C LEU A 22 24.77 -19.90 -23.20
N LYS A 23 25.89 -19.92 -22.46
CA LYS A 23 26.08 -20.69 -21.24
C LYS A 23 25.96 -19.85 -19.99
N ARG A 24 24.92 -20.13 -19.17
CA ARG A 24 24.64 -19.45 -17.91
C ARG A 24 25.69 -19.78 -16.85
N ILE A 25 26.24 -18.73 -16.24
CA ILE A 25 27.24 -18.82 -15.17
C ILE A 25 26.54 -18.65 -13.81
N ARG A 26 25.86 -17.50 -13.60
N ARG A 26 25.84 -17.51 -13.60
CA ARG A 26 25.18 -17.16 -12.35
CA ARG A 26 25.11 -17.22 -12.36
C ARG A 26 24.15 -16.04 -12.52
C ARG A 26 24.14 -16.06 -12.52
N ASP A 27 23.19 -15.92 -11.57
CA ASP A 27 22.20 -14.83 -11.57
C ASP A 27 22.91 -13.60 -11.01
N LEU A 28 22.59 -12.42 -11.55
CA LEU A 28 23.14 -11.12 -11.13
C LEU A 28 22.09 -10.35 -10.33
N GLY A 29 20.84 -10.48 -10.77
CA GLY A 29 19.70 -9.87 -10.13
C GLY A 29 18.38 -10.37 -10.68
N GLU A 30 17.33 -10.11 -9.94
CA GLU A 30 15.96 -10.46 -10.22
C GLU A 30 15.12 -9.20 -10.08
N GLY A 31 14.09 -9.08 -10.90
CA GLY A 31 13.19 -7.94 -10.86
C GLY A 31 11.73 -8.30 -11.06
N HIS A 32 11.00 -7.31 -11.58
CA HIS A 32 9.58 -7.32 -11.94
C HIS A 32 9.37 -8.40 -13.03
N PHE A 33 9.04 -9.64 -12.59
CA PHE A 33 8.83 -10.85 -13.40
C PHE A 33 9.98 -11.14 -14.43
N GLY A 34 11.13 -10.52 -14.23
CA GLY A 34 12.31 -10.71 -15.08
C GLY A 34 13.53 -11.14 -14.29
N LYS A 35 14.67 -11.35 -14.98
CA LYS A 35 15.94 -11.69 -14.32
C LYS A 35 17.13 -11.44 -15.23
N VAL A 36 18.26 -11.07 -14.62
CA VAL A 36 19.52 -10.81 -15.34
C VAL A 36 20.54 -11.83 -14.86
N GLU A 37 21.19 -12.48 -15.82
CA GLU A 37 22.18 -13.52 -15.57
C GLU A 37 23.48 -13.15 -16.24
N LEU A 38 24.58 -13.65 -15.66
CA LEU A 38 25.91 -13.59 -16.25
C LEU A 38 26.01 -14.88 -17.03
N CYS A 39 26.17 -14.71 -18.32
CA CYS A 39 26.31 -15.79 -19.27
C CYS A 39 27.63 -15.55 -20.00
N ARG A 40 28.17 -16.61 -20.59
CA ARG A 40 29.37 -16.58 -21.43
C ARG A 40 28.87 -16.94 -22.82
N TYR A 41 29.00 -16.04 -23.82
CA TYR A 41 28.65 -16.46 -25.17
C TYR A 41 29.90 -17.15 -25.70
N ASP A 42 29.85 -18.48 -25.86
CA ASP A 42 30.99 -19.30 -26.21
C ASP A 42 30.80 -20.14 -27.50
N PRO A 43 30.74 -19.53 -28.71
CA PRO A 43 30.61 -20.34 -29.94
C PRO A 43 31.69 -21.41 -30.17
N GLU A 44 32.89 -21.24 -29.59
CA GLU A 44 34.02 -22.17 -29.76
C GLU A 44 34.10 -23.29 -28.68
N GLY A 45 33.26 -23.19 -27.64
CA GLY A 45 33.15 -24.16 -26.55
C GLY A 45 34.36 -24.44 -25.68
N ASP A 46 35.35 -23.51 -25.63
CA ASP A 46 36.57 -23.70 -24.84
C ASP A 46 36.71 -22.71 -23.66
N ASN A 47 35.63 -21.96 -23.36
CA ASN A 47 35.50 -20.96 -22.29
C ASN A 47 36.26 -19.65 -22.57
N THR A 48 36.46 -19.31 -23.87
CA THR A 48 37.19 -18.08 -24.23
C THR A 48 36.27 -16.98 -24.66
N GLY A 49 35.02 -17.34 -24.98
CA GLY A 49 33.97 -16.44 -25.41
C GLY A 49 33.71 -15.32 -24.44
N GLU A 50 33.07 -14.25 -24.92
CA GLU A 50 32.79 -13.07 -24.12
C GLU A 50 31.69 -13.26 -23.06
N GLN A 51 31.91 -12.69 -21.87
CA GLN A 51 30.91 -12.64 -20.82
C GLN A 51 29.90 -11.53 -21.22
N VAL A 52 28.62 -11.77 -20.99
CA VAL A 52 27.56 -10.86 -21.38
C VAL A 52 26.55 -10.90 -20.23
N ALA A 53 25.71 -9.88 -20.10
CA ALA A 53 24.67 -9.88 -19.07
C ALA A 53 23.41 -10.21 -19.87
N VAL A 54 22.57 -11.10 -19.34
CA VAL A 54 21.45 -11.57 -20.13
C VAL A 54 20.19 -11.40 -19.37
N LYS A 55 19.23 -10.63 -19.95
CA LYS A 55 17.95 -10.44 -19.32
C LYS A 55 16.91 -11.32 -20.00
N SER A 56 16.19 -12.09 -19.20
CA SER A 56 15.09 -12.92 -19.67
C SER A 56 13.95 -12.88 -18.67
N LEU A 57 12.76 -13.38 -19.06
CA LEU A 57 11.63 -13.44 -18.16
C LEU A 57 11.61 -14.81 -17.49
N LYS A 58 11.09 -14.84 -16.26
CA LYS A 58 10.95 -16.09 -15.53
C LYS A 58 9.74 -16.82 -16.16
N PRO A 59 9.68 -18.17 -16.19
CA PRO A 59 8.49 -18.84 -16.76
C PRO A 59 7.18 -18.44 -16.06
N GLU A 60 7.23 -18.25 -14.72
CA GLU A 60 6.10 -17.84 -13.88
C GLU A 60 6.50 -16.82 -12.77
N GLY A 62 3.22 -14.39 -17.27
CA GLY A 62 2.33 -13.43 -17.89
C GLY A 62 2.74 -13.04 -19.30
N GLY A 63 1.78 -13.06 -20.21
CA GLY A 63 1.94 -12.73 -21.62
C GLY A 63 2.34 -11.29 -21.87
N ASN A 64 1.67 -10.34 -21.18
CA ASN A 64 1.95 -8.91 -21.30
C ASN A 64 3.37 -8.54 -20.87
N HIS A 65 4.02 -9.40 -20.06
CA HIS A 65 5.39 -9.21 -19.59
C HIS A 65 6.42 -9.43 -20.74
N ILE A 66 6.05 -10.22 -21.77
CA ILE A 66 6.87 -10.50 -22.96
C ILE A 66 6.93 -9.24 -23.81
N ALA A 67 5.76 -8.60 -24.07
CA ALA A 67 5.65 -7.36 -24.84
C ALA A 67 6.47 -6.23 -24.21
N ASP A 68 6.50 -6.16 -22.87
CA ASP A 68 7.26 -5.17 -22.11
C ASP A 68 8.74 -5.31 -22.35
N LEU A 69 9.24 -6.59 -22.34
CA LEU A 69 10.61 -6.95 -22.58
C LEU A 69 11.02 -6.60 -24.02
N LYS A 70 10.19 -6.96 -25.00
CA LYS A 70 10.38 -6.63 -26.41
C LYS A 70 10.46 -5.10 -26.58
N LYS A 71 9.64 -4.33 -25.83
CA LYS A 71 9.66 -2.86 -25.88
C LYS A 71 10.94 -2.35 -25.22
N GLU A 72 11.38 -3.01 -24.15
CA GLU A 72 12.61 -2.65 -23.48
C GLU A 72 13.83 -2.89 -24.40
N ILE A 73 13.85 -4.04 -25.12
CA ILE A 73 14.91 -4.43 -26.06
C ILE A 73 15.06 -3.37 -27.16
N GLU A 74 13.95 -2.95 -27.70
CA GLU A 74 13.85 -1.98 -28.79
C GLU A 74 14.29 -0.60 -28.31
N ILE A 75 14.00 -0.27 -27.05
CA ILE A 75 14.43 0.99 -26.45
C ILE A 75 15.96 0.98 -26.32
N LEU A 76 16.56 -0.07 -25.69
CA LEU A 76 18.00 -0.14 -25.47
C LEU A 76 18.80 -0.27 -26.77
N ARG A 77 18.29 -1.01 -27.75
CA ARG A 77 18.92 -1.18 -29.07
C ARG A 77 19.29 0.16 -29.73
N ASN A 78 18.46 1.19 -29.50
CA ASN A 78 18.60 2.51 -30.10
C ASN A 78 19.06 3.59 -29.17
N LEU A 79 19.62 3.22 -28.00
CA LEU A 79 20.19 4.20 -27.09
C LEU A 79 21.67 4.11 -27.28
N TYR A 80 22.32 5.25 -27.57
CA TYR A 80 23.77 5.33 -27.76
C TYR A 80 24.36 6.48 -26.95
N HIS A 81 24.95 6.12 -25.81
CA HIS A 81 25.58 7.09 -24.92
C HIS A 81 26.61 6.39 -24.07
N GLU A 82 27.74 7.07 -23.84
CA GLU A 82 28.88 6.65 -23.02
C GLU A 82 28.46 6.16 -21.62
N ASN A 83 27.36 6.75 -21.08
CA ASN A 83 26.83 6.45 -19.75
C ASN A 83 25.52 5.66 -19.79
N ILE A 84 25.32 4.89 -20.87
CA ILE A 84 24.21 3.97 -21.04
C ILE A 84 24.82 2.63 -21.42
N VAL A 85 24.48 1.57 -20.65
CA VAL A 85 24.95 0.18 -20.88
C VAL A 85 24.69 -0.22 -22.33
N LYS A 86 25.68 -0.89 -22.92
CA LYS A 86 25.64 -1.27 -24.31
C LYS A 86 24.82 -2.51 -24.57
N TYR A 87 23.89 -2.38 -25.53
CA TYR A 87 23.09 -3.42 -26.14
C TYR A 87 24.09 -4.23 -26.98
N LYS A 88 24.05 -5.58 -26.89
CA LYS A 88 24.88 -6.46 -27.69
C LYS A 88 24.01 -7.22 -28.70
N GLY A 89 22.85 -7.68 -28.26
CA GLY A 89 21.99 -8.40 -29.17
C GLY A 89 20.81 -9.01 -28.52
N ILE A 90 20.26 -10.00 -29.20
CA ILE A 90 19.12 -10.81 -28.76
C ILE A 90 19.36 -12.30 -28.98
N CYS A 91 18.74 -13.13 -28.12
CA CYS A 91 18.70 -14.58 -28.27
C CYS A 91 17.23 -14.93 -28.38
N THR A 92 16.79 -15.36 -29.58
CA THR A 92 15.37 -15.67 -29.83
C THR A 92 15.05 -17.15 -29.62
N GLU A 93 13.76 -17.46 -29.33
CA GLU A 93 13.27 -18.85 -29.14
C GLU A 93 12.78 -19.45 -30.47
N GLY A 96 9.91 -17.69 -33.26
CA GLY A 96 10.32 -17.09 -32.00
C GLY A 96 9.41 -17.47 -30.84
N ASN A 97 8.71 -16.46 -30.26
CA ASN A 97 7.77 -16.58 -29.13
C ASN A 97 8.54 -16.86 -27.82
N GLY A 98 9.58 -16.05 -27.62
CA GLY A 98 10.54 -16.11 -26.50
C GLY A 98 11.78 -15.35 -26.94
N ILE A 99 12.33 -14.49 -26.05
CA ILE A 99 13.46 -13.61 -26.38
C ILE A 99 14.33 -13.29 -25.15
N LYS A 100 15.65 -13.08 -25.37
CA LYS A 100 16.61 -12.74 -24.34
C LYS A 100 17.36 -11.50 -24.77
N LEU A 101 17.50 -10.54 -23.84
CA LEU A 101 18.24 -9.30 -24.09
C LEU A 101 19.68 -9.51 -23.70
N ILE A 102 20.58 -9.32 -24.67
CA ILE A 102 22.03 -9.51 -24.53
C ILE A 102 22.67 -8.16 -24.45
N MET A 103 23.33 -7.91 -23.32
N MET A 103 23.36 -7.92 -23.35
CA MET A 103 24.01 -6.65 -22.99
CA MET A 103 24.04 -6.66 -23.10
C MET A 103 25.44 -6.91 -22.58
C MET A 103 25.46 -6.91 -22.60
N GLU A 104 26.29 -5.86 -22.59
CA GLU A 104 27.66 -5.98 -22.13
C GLU A 104 27.67 -6.27 -20.62
N PHE A 105 28.64 -7.03 -20.15
CA PHE A 105 28.78 -7.33 -18.73
C PHE A 105 29.73 -6.34 -18.03
N LEU A 106 29.30 -5.78 -16.87
CA LEU A 106 30.14 -4.82 -16.16
C LEU A 106 30.55 -5.50 -14.84
N PRO A 107 31.75 -6.16 -14.83
CA PRO A 107 32.13 -6.97 -13.65
C PRO A 107 32.20 -6.27 -12.31
N SER A 108 32.26 -4.91 -12.28
CA SER A 108 32.30 -4.16 -11.02
C SER A 108 30.93 -4.04 -10.34
N GLY A 109 29.88 -4.51 -11.01
CA GLY A 109 28.54 -4.47 -10.46
C GLY A 109 27.93 -3.11 -10.51
N SER A 110 26.87 -2.89 -9.73
CA SER A 110 26.25 -1.57 -9.61
C SER A 110 26.93 -0.84 -8.46
N LEU A 111 26.59 0.46 -8.26
CA LEU A 111 27.05 1.28 -7.14
C LEU A 111 26.72 0.62 -5.80
N LYS A 112 25.60 -0.11 -5.71
CA LYS A 112 25.17 -0.82 -4.52
C LYS A 112 26.23 -1.85 -4.03
N GLU A 113 26.95 -2.49 -4.96
CA GLU A 113 28.01 -3.47 -4.65
C GLU A 113 29.37 -2.81 -4.61
N TYR A 114 29.62 -1.90 -5.54
CA TYR A 114 30.92 -1.29 -5.70
C TYR A 114 31.27 -0.22 -4.66
N LEU A 115 30.33 0.66 -4.31
CA LEU A 115 30.64 1.74 -3.39
C LEU A 115 31.05 1.29 -1.97
N PRO A 116 30.41 0.29 -1.31
CA PRO A 116 30.86 -0.11 0.04
C PRO A 116 32.24 -0.74 0.06
N LYS A 117 32.69 -1.28 -1.06
CA LYS A 117 33.99 -1.96 -1.16
C LYS A 117 35.11 -1.04 -1.64
N ASN A 118 34.79 0.21 -2.03
CA ASN A 118 35.75 1.11 -2.67
C ASN A 118 35.78 2.55 -2.13
N LYS A 119 35.14 2.81 -0.98
CA LYS A 119 35.09 4.13 -0.31
C LYS A 119 36.44 4.84 -0.29
N ASN A 120 37.53 4.08 -0.08
CA ASN A 120 38.89 4.64 -0.04
C ASN A 120 39.29 5.28 -1.35
N LYS A 121 38.94 4.64 -2.50
CA LYS A 121 39.25 5.11 -3.86
C LYS A 121 38.32 6.24 -4.32
N ILE A 122 37.06 6.23 -3.83
CA ILE A 122 36.03 7.15 -4.27
C ILE A 122 35.82 8.30 -3.28
N ASN A 123 36.42 9.46 -3.56
CA ASN A 123 36.26 10.66 -2.74
C ASN A 123 35.07 11.48 -3.29
N LEU A 124 34.76 12.64 -2.68
CA LEU A 124 33.63 13.48 -3.10
C LEU A 124 33.73 13.89 -4.59
N LYS A 125 34.91 14.28 -5.04
CA LYS A 125 35.19 14.66 -6.40
C LYS A 125 34.74 13.56 -7.38
N GLN A 126 35.09 12.28 -7.10
CA GLN A 126 34.70 11.14 -7.93
C GLN A 126 33.17 10.86 -7.86
N GLN A 127 32.54 11.09 -6.69
CA GLN A 127 31.10 10.97 -6.50
C GLN A 127 30.37 12.01 -7.35
N LEU A 128 30.88 13.27 -7.38
CA LEU A 128 30.27 14.35 -8.18
C LEU A 128 30.46 14.07 -9.67
N LYS A 129 31.56 13.39 -10.04
CA LYS A 129 31.82 12.98 -11.42
C LYS A 129 30.84 11.91 -11.88
N TYR A 130 30.52 10.96 -10.99
CA TYR A 130 29.50 9.91 -11.23
C TYR A 130 28.11 10.57 -11.33
N ALA A 131 27.81 11.56 -10.44
CA ALA A 131 26.51 12.28 -10.42
C ALA A 131 26.32 12.93 -11.82
N VAL A 132 27.37 13.62 -12.34
CA VAL A 132 27.42 14.24 -13.69
C VAL A 132 27.09 13.19 -14.79
N GLN A 133 27.78 12.02 -14.75
CA GLN A 133 27.61 10.95 -15.75
C GLN A 133 26.21 10.32 -15.69
N ILE A 134 25.65 10.19 -14.49
CA ILE A 134 24.26 9.72 -14.29
C ILE A 134 23.34 10.78 -14.96
N CYS A 135 23.50 12.09 -14.65
CA CYS A 135 22.68 13.14 -15.28
C CYS A 135 22.82 13.17 -16.81
N LYS A 136 24.03 12.98 -17.37
CA LYS A 136 24.27 12.95 -18.80
C LYS A 136 23.55 11.80 -19.52
N GLY A 137 23.58 10.59 -18.97
CA GLY A 137 22.87 9.45 -19.53
C GLY A 137 21.35 9.70 -19.45
N MET A 138 20.91 10.24 -18.30
CA MET A 138 19.52 10.58 -17.98
C MET A 138 18.97 11.67 -18.87
N ASP A 139 19.77 12.71 -19.15
CA ASP A 139 19.37 13.80 -20.02
C ASP A 139 19.22 13.35 -21.48
N TYR A 140 20.05 12.37 -21.90
CA TYR A 140 20.02 11.79 -23.23
C TYR A 140 18.74 10.99 -23.40
N LEU A 141 18.37 10.24 -22.36
CA LEU A 141 17.15 9.43 -22.31
C LEU A 141 15.94 10.35 -22.41
N GLY A 142 15.95 11.41 -21.59
CA GLY A 142 14.94 12.45 -21.59
C GLY A 142 14.77 13.21 -22.88
N SER A 143 15.90 13.48 -23.59
CA SER A 143 15.88 14.16 -24.89
C SER A 143 15.20 13.30 -25.97
N ARG A 144 15.19 11.97 -25.79
CA ARG A 144 14.57 10.98 -26.69
C ARG A 144 13.13 10.67 -26.28
N GLN A 145 12.59 11.48 -25.33
CA GLN A 145 11.24 11.43 -24.76
C GLN A 145 10.95 10.10 -24.04
N TYR A 146 11.89 9.67 -23.17
CA TYR A 146 11.67 8.49 -22.34
C TYR A 146 11.71 8.84 -20.87
N VAL A 147 10.85 8.18 -20.07
CA VAL A 147 10.86 8.27 -18.62
C VAL A 147 11.41 6.93 -18.14
N HIS A 148 12.47 6.96 -17.33
CA HIS A 148 13.14 5.78 -16.82
C HIS A 148 12.36 5.03 -15.75
N ARG A 149 11.80 5.76 -14.77
CA ARG A 149 10.93 5.24 -13.69
C ARG A 149 11.60 4.26 -12.68
N ASP A 150 12.92 4.04 -12.77
CA ASP A 150 13.59 3.10 -11.89
C ASP A 150 15.03 3.59 -11.56
N LEU A 151 15.24 4.92 -11.60
CA LEU A 151 16.57 5.50 -11.33
C LEU A 151 16.95 5.32 -9.85
N ALA A 152 17.82 4.34 -9.62
CA ALA A 152 18.34 3.94 -8.31
C ALA A 152 19.78 3.49 -8.50
N ALA A 153 20.58 3.51 -7.41
CA ALA A 153 22.00 3.11 -7.37
C ALA A 153 22.19 1.65 -7.78
N ARG A 154 21.19 0.79 -7.53
CA ARG A 154 21.23 -0.60 -7.98
C ARG A 154 21.26 -0.69 -9.54
N ASN A 155 20.82 0.38 -10.22
CA ASN A 155 20.77 0.47 -11.69
C ASN A 155 21.85 1.33 -12.28
N VAL A 156 22.80 1.79 -11.45
CA VAL A 156 23.93 2.59 -11.92
C VAL A 156 25.10 1.63 -11.85
N LEU A 157 25.52 1.12 -13.03
CA LEU A 157 26.60 0.15 -13.14
C LEU A 157 27.97 0.80 -13.23
N VAL A 158 28.96 0.15 -12.64
CA VAL A 158 30.34 0.63 -12.62
C VAL A 158 31.17 0.02 -13.75
N GLU A 159 31.52 0.86 -14.71
CA GLU A 159 32.35 0.51 -15.86
C GLU A 159 33.84 0.42 -15.43
N SER A 160 34.29 1.46 -14.68
CA SER A 160 35.63 1.62 -14.11
C SER A 160 35.49 2.56 -12.92
N GLU A 161 36.60 2.95 -12.26
CA GLU A 161 36.48 3.87 -11.13
C GLU A 161 36.20 5.32 -11.60
N HIS A 162 36.36 5.56 -12.90
CA HIS A 162 36.13 6.85 -13.56
C HIS A 162 34.84 6.85 -14.38
N GLN A 163 34.17 5.70 -14.51
CA GLN A 163 32.97 5.69 -15.35
C GLN A 163 31.79 4.85 -14.85
N VAL A 164 30.59 5.46 -14.86
CA VAL A 164 29.34 4.79 -14.54
C VAL A 164 28.42 4.83 -15.74
N LYS A 165 27.47 3.88 -15.80
CA LYS A 165 26.50 3.78 -16.83
C LYS A 165 25.13 3.41 -16.25
N ILE A 166 24.06 4.02 -16.77
CA ILE A 166 22.69 3.60 -16.41
C ILE A 166 22.56 2.20 -17.04
N GLY A 167 22.42 1.19 -16.18
CA GLY A 167 22.46 -0.21 -16.59
C GLY A 167 21.22 -1.05 -16.71
N ASP A 168 20.00 -0.47 -16.69
CA ASP A 168 18.75 -1.23 -16.80
C ASP A 168 17.63 -0.29 -17.20
N PHE A 169 16.80 -0.70 -18.18
CA PHE A 169 15.69 0.08 -18.74
C PHE A 169 14.35 -0.68 -18.69
N GLY A 170 14.24 -1.60 -17.75
CA GLY A 170 13.05 -2.42 -17.54
C GLY A 170 11.73 -1.76 -17.25
N LEU A 171 11.73 -0.51 -16.72
CA LEU A 171 10.53 0.29 -16.43
C LEU A 171 10.37 1.53 -17.35
N THR A 172 11.32 1.74 -18.29
CA THR A 172 11.39 2.83 -19.25
C THR A 172 10.19 2.87 -20.20
N LYS A 173 9.57 4.06 -20.27
CA LYS A 173 8.37 4.26 -21.05
C LYS A 173 8.51 5.52 -21.86
N ALA A 174 7.92 5.54 -23.03
CA ALA A 174 7.92 6.71 -23.91
C ALA A 174 6.86 7.73 -23.46
N ILE A 175 7.20 9.04 -23.52
CA ILE A 175 6.20 10.09 -23.24
C ILE A 175 5.66 10.51 -24.63
N GLU A 176 4.32 10.58 -24.78
CA GLU A 176 3.71 11.01 -26.02
C GLU A 176 4.07 12.49 -26.31
N THR A 177 4.24 12.84 -27.63
CA THR A 177 4.61 14.17 -28.14
C THR A 177 3.78 15.30 -27.50
N ASP A 178 2.47 15.07 -27.34
CA ASP A 178 1.57 16.04 -26.74
C ASP A 178 1.58 16.04 -25.21
N LYS A 179 2.16 14.99 -24.58
CA LYS A 179 2.15 14.81 -23.14
C LYS A 179 3.43 15.25 -22.41
N GLU A 180 3.26 15.56 -21.12
CA GLU A 180 4.33 15.91 -20.18
C GLU A 180 4.63 14.67 -19.32
N THR A 183 1.08 7.69 -17.94
CA THR A 183 0.30 7.04 -16.89
C THR A 183 0.55 5.52 -16.86
N VAL A 184 0.98 4.99 -15.72
CA VAL A 184 1.25 3.56 -15.51
C VAL A 184 0.04 2.84 -14.91
N LYS A 185 -0.14 1.56 -15.30
CA LYS A 185 -1.19 0.64 -14.83
C LYS A 185 -0.54 -0.45 -13.96
N ASP A 186 0.64 -1.01 -14.36
CA ASP A 186 1.32 -2.03 -13.57
C ASP A 186 2.19 -1.32 -12.53
N ASP A 187 1.58 -1.15 -11.34
CA ASP A 187 1.97 -0.43 -10.12
C ASP A 187 2.58 -1.29 -8.98
N ARG A 188 2.15 -2.56 -8.84
CA ARG A 188 2.50 -3.54 -7.80
C ARG A 188 3.92 -3.41 -7.21
N ASP A 189 4.96 -3.67 -8.03
CA ASP A 189 6.35 -3.68 -7.59
C ASP A 189 7.08 -2.35 -7.79
N SER A 190 6.41 -1.22 -7.50
CA SER A 190 7.00 0.11 -7.65
C SER A 190 8.11 0.44 -6.61
N PRO A 191 9.32 0.95 -7.01
CA PRO A 191 10.30 1.39 -6.00
C PRO A 191 9.85 2.74 -5.40
N VAL A 192 8.79 2.68 -4.57
CA VAL A 192 8.11 3.81 -3.92
C VAL A 192 9.05 4.78 -3.17
N PHE A 193 10.11 4.27 -2.50
CA PHE A 193 11.04 5.14 -1.75
C PHE A 193 11.97 5.97 -2.65
N TRP A 194 11.87 5.78 -3.98
CA TRP A 194 12.61 6.50 -4.99
C TRP A 194 11.65 7.39 -5.80
N TYR A 195 10.34 7.22 -5.60
CA TYR A 195 9.28 7.88 -6.36
C TYR A 195 8.82 9.24 -5.85
N ALA A 196 8.58 10.13 -6.81
CA ALA A 196 8.08 11.50 -6.62
C ALA A 196 6.61 11.47 -6.17
N PRO A 197 6.08 12.51 -5.49
CA PRO A 197 4.68 12.49 -5.04
C PRO A 197 3.63 12.20 -6.11
N GLU A 198 3.75 12.80 -7.33
CA GLU A 198 2.80 12.56 -8.43
C GLU A 198 2.76 11.09 -8.87
N CYS A 199 3.90 10.36 -8.72
CA CYS A 199 4.04 8.94 -9.09
C CYS A 199 3.28 8.06 -8.11
N LEU A 200 3.39 8.41 -6.81
CA LEU A 200 2.74 7.72 -5.70
C LEU A 200 1.25 8.03 -5.67
N MET A 201 0.89 9.30 -5.87
CA MET A 201 -0.48 9.78 -5.81
C MET A 201 -1.30 9.52 -7.05
N GLN A 202 -0.74 9.77 -8.26
CA GLN A 202 -1.53 9.68 -9.48
C GLN A 202 -1.06 8.69 -10.54
N SER A 203 0.05 7.97 -10.31
CA SER A 203 0.62 7.02 -11.31
C SER A 203 1.14 7.74 -12.59
N LYS A 204 1.40 9.05 -12.47
CA LYS A 204 1.90 9.93 -13.52
C LYS A 204 3.42 9.97 -13.42
N PHE A 205 4.10 9.84 -14.56
CA PHE A 205 5.56 9.85 -14.62
C PHE A 205 6.06 10.90 -15.59
N TYR A 206 6.69 11.97 -15.04
CA TYR A 206 7.29 13.09 -15.79
C TYR A 206 8.79 12.91 -15.85
N ILE A 207 9.48 13.60 -16.80
CA ILE A 207 10.95 13.60 -16.84
C ILE A 207 11.43 14.10 -15.46
N ALA A 208 10.71 15.11 -14.88
CA ALA A 208 10.96 15.68 -13.54
C ALA A 208 10.84 14.62 -12.41
N SER A 209 10.08 13.53 -12.64
CA SER A 209 9.91 12.40 -11.73
C SER A 209 11.22 11.61 -11.68
N ASP A 210 11.96 11.52 -12.81
CA ASP A 210 13.27 10.89 -12.88
C ASP A 210 14.30 11.75 -12.17
N VAL A 211 14.12 13.09 -12.19
CA VAL A 211 14.96 14.09 -11.50
C VAL A 211 14.80 13.89 -9.99
N TRP A 212 13.57 13.60 -9.52
CA TRP A 212 13.32 13.29 -8.13
C TRP A 212 14.06 11.99 -7.77
N SER A 213 13.89 10.91 -8.58
CA SER A 213 14.60 9.64 -8.37
C SER A 213 16.11 9.82 -8.45
N PHE A 214 16.60 10.81 -9.25
CA PHE A 214 18.04 11.10 -9.29
C PHE A 214 18.51 11.66 -7.92
N GLY A 215 17.73 12.55 -7.31
CA GLY A 215 18.05 13.11 -6.01
C GLY A 215 18.29 12.05 -4.95
N VAL A 216 17.47 10.98 -5.00
CA VAL A 216 17.53 9.82 -4.09
C VAL A 216 18.76 8.96 -4.43
N THR A 217 19.06 8.80 -5.71
CA THR A 217 20.20 8.03 -6.21
C THR A 217 21.49 8.72 -5.78
N LEU A 218 21.47 10.05 -5.80
CA LEU A 218 22.60 10.88 -5.40
C LEU A 218 22.83 10.73 -3.90
N HIS A 219 21.76 10.79 -3.14
CA HIS A 219 21.82 10.57 -1.71
C HIS A 219 22.50 9.23 -1.43
N GLU A 220 22.15 8.14 -2.16
CA GLU A 220 22.74 6.79 -2.00
C GLU A 220 24.23 6.79 -2.32
N LEU A 221 24.61 7.53 -3.39
CA LEU A 221 25.99 7.62 -3.89
C LEU A 221 26.84 8.31 -2.82
N LEU A 222 26.33 9.42 -2.27
CA LEU A 222 27.02 10.14 -1.19
C LEU A 222 27.12 9.33 0.10
N THR A 223 26.20 8.37 0.32
CA THR A 223 26.23 7.51 1.53
C THR A 223 26.98 6.18 1.23
N TYR A 224 27.58 6.05 0.00
CA TYR A 224 28.33 4.86 -0.48
C TYR A 224 27.50 3.60 -0.42
N CYS A 225 26.18 3.77 -0.70
CA CYS A 225 25.16 2.71 -0.68
C CYS A 225 25.17 1.88 0.59
N ASP A 226 25.42 2.52 1.75
CA ASP A 226 25.33 1.84 3.05
C ASP A 226 23.87 1.44 3.29
N SER A 227 23.65 0.14 3.54
CA SER A 227 22.34 -0.46 3.80
C SER A 227 21.53 0.27 4.90
N ASP A 228 22.19 0.64 6.01
CA ASP A 228 21.55 1.30 7.15
C ASP A 228 21.07 2.75 6.87
N SER A 229 21.65 3.42 5.88
CA SER A 229 21.32 4.80 5.49
C SER A 229 20.61 4.82 4.13
N SER A 230 20.07 3.67 3.70
CA SER A 230 19.39 3.56 2.42
C SER A 230 18.07 4.32 2.44
N PRO A 231 17.62 4.85 1.29
CA PRO A 231 16.34 5.58 1.24
C PRO A 231 15.17 4.87 1.90
N MET A 232 15.05 3.53 1.74
CA MET A 232 14.00 2.73 2.39
C MET A 232 14.21 2.72 3.91
N ALA A 233 15.45 2.47 4.36
CA ALA A 233 15.81 2.41 5.79
C ALA A 233 15.52 3.73 6.51
N LEU A 234 15.83 4.85 5.86
CA LEU A 234 15.62 6.20 6.41
C LEU A 234 14.18 6.63 6.39
N PHE A 235 13.46 6.36 5.27
CA PHE A 235 12.05 6.71 5.15
C PHE A 235 11.21 5.91 6.14
N LEU A 236 11.54 4.62 6.35
CA LEU A 236 10.83 3.78 7.32
C LEU A 236 11.10 4.25 8.73
N LYS A 237 12.23 4.94 8.98
CA LYS A 237 12.48 5.48 10.32
C LYS A 237 11.57 6.71 10.54
N MET A 238 11.41 7.55 9.49
CA MET A 238 10.59 8.78 9.48
C MET A 238 9.10 8.47 9.70
N ILE A 239 8.52 7.62 8.82
CA ILE A 239 7.11 7.24 8.78
C ILE A 239 6.76 6.10 9.74
N GLY A 240 7.67 5.13 9.90
CA GLY A 240 7.45 3.96 10.73
C GLY A 240 7.59 2.70 9.91
N PRO A 241 8.19 1.61 10.45
CA PRO A 241 8.37 0.40 9.63
C PRO A 241 7.24 -0.65 9.70
N THR A 242 6.19 -0.42 10.51
CA THR A 242 5.16 -1.44 10.69
C THR A 242 3.76 -0.96 10.27
N HIS A 243 3.65 -0.33 9.09
CA HIS A 243 2.38 0.19 8.57
C HIS A 243 1.78 -0.68 7.45
N GLY A 244 2.58 -1.57 6.86
CA GLY A 244 2.14 -2.50 5.82
C GLY A 244 1.57 -1.80 4.62
N GLN A 245 0.28 -2.05 4.30
CA GLN A 245 -0.43 -1.44 3.17
C GLN A 245 -0.53 0.11 3.23
N MET A 246 -0.36 0.69 4.42
CA MET A 246 -0.48 2.13 4.68
C MET A 246 0.83 2.87 4.52
N THR A 247 1.95 2.16 4.25
CA THR A 247 3.27 2.75 4.10
C THR A 247 3.32 3.84 3.01
N VAL A 248 2.78 3.57 1.82
CA VAL A 248 2.80 4.52 0.69
C VAL A 248 2.00 5.80 1.01
N THR A 249 0.79 5.70 1.59
CA THR A 249 0.02 6.88 1.97
C THR A 249 0.69 7.65 3.12
N ARG A 250 1.40 6.96 4.04
CA ARG A 250 2.15 7.64 5.12
C ARG A 250 3.41 8.31 4.53
N LEU A 251 3.95 7.75 3.44
CA LEU A 251 5.08 8.31 2.70
C LEU A 251 4.61 9.57 1.95
N VAL A 252 3.42 9.51 1.27
CA VAL A 252 2.81 10.66 0.58
C VAL A 252 2.60 11.80 1.58
N ASN A 253 2.05 11.46 2.77
CA ASN A 253 1.79 12.42 3.85
C ASN A 253 3.09 13.12 4.38
N THR A 254 4.20 12.39 4.67
CA THR A 254 5.43 13.07 5.15
C THR A 254 6.06 13.97 4.10
N LEU A 255 6.04 13.56 2.81
CA LEU A 255 6.58 14.34 1.68
C LEU A 255 5.76 15.61 1.48
N LYS A 256 4.42 15.51 1.72
CA LYS A 256 3.47 16.62 1.67
C LYS A 256 3.81 17.64 2.79
N GLU A 257 4.29 17.15 3.96
CA GLU A 257 4.69 17.98 5.11
C GLU A 257 6.09 18.62 4.92
N GLY A 258 6.75 18.30 3.81
CA GLY A 258 8.06 18.85 3.47
C GLY A 258 9.25 18.06 3.99
N LYS A 259 9.00 16.85 4.53
CA LYS A 259 10.09 16.02 5.05
C LYS A 259 10.82 15.33 3.91
N ARG A 260 12.16 15.46 3.89
CA ARG A 260 13.02 14.89 2.87
C ARG A 260 14.15 14.12 3.53
N LEU A 261 14.82 13.23 2.77
CA LEU A 261 15.97 12.48 3.29
C LEU A 261 17.00 13.46 3.89
N PRO A 262 17.67 13.13 5.02
CA PRO A 262 18.59 14.11 5.61
C PRO A 262 19.86 14.29 4.82
N CYS A 263 20.75 15.18 5.26
CA CYS A 263 22.01 15.36 4.54
C CYS A 263 22.92 14.18 4.79
N PRO A 264 23.42 13.49 3.72
CA PRO A 264 24.39 12.42 3.94
C PRO A 264 25.55 12.95 4.81
N PRO A 265 26.14 12.13 5.73
CA PRO A 265 27.28 12.65 6.51
C PRO A 265 28.42 13.01 5.57
N ASN A 266 29.18 14.07 5.91
CA ASN A 266 30.31 14.61 5.14
C ASN A 266 29.88 15.25 3.80
N CYS A 267 28.58 15.24 3.47
CA CYS A 267 28.12 15.88 2.22
C CYS A 267 27.97 17.39 2.46
N PRO A 268 28.73 18.25 1.75
CA PRO A 268 28.59 19.70 1.95
C PRO A 268 27.22 20.23 1.54
N ASP A 269 26.71 21.22 2.28
CA ASP A 269 25.39 21.86 2.04
C ASP A 269 25.11 22.22 0.56
N GLU A 270 26.14 22.66 -0.19
CA GLU A 270 26.04 23.04 -1.60
C GLU A 270 25.61 21.87 -2.47
N VAL A 271 26.12 20.66 -2.19
CA VAL A 271 25.76 19.41 -2.88
C VAL A 271 24.34 19.04 -2.45
N TYR A 272 24.04 19.13 -1.12
CA TYR A 272 22.71 18.88 -0.54
C TYR A 272 21.63 19.79 -1.11
N GLN A 273 21.95 21.07 -1.38
CA GLN A 273 21.01 22.03 -1.95
C GLN A 273 20.60 21.69 -3.38
N LEU A 274 21.54 21.08 -4.15
CA LEU A 274 21.29 20.61 -5.51
C LEU A 274 20.37 19.40 -5.43
N MET A 275 20.56 18.56 -4.39
CA MET A 275 19.78 17.37 -4.13
C MET A 275 18.36 17.73 -3.73
N ARG A 276 18.21 18.78 -2.90
CA ARG A 276 16.94 19.33 -2.40
C ARG A 276 16.09 19.90 -3.53
N LYS A 277 16.75 20.46 -4.56
CA LYS A 277 16.15 21.00 -5.79
C LYS A 277 15.51 19.85 -6.63
N CYS A 278 15.97 18.60 -6.43
CA CYS A 278 15.43 17.39 -7.07
C CYS A 278 14.14 17.01 -6.35
N TRP A 279 13.96 17.53 -5.14
CA TRP A 279 12.86 17.18 -4.25
C TRP A 279 11.85 18.28 -3.99
N GLU A 280 11.61 19.15 -4.99
CA GLU A 280 10.56 20.16 -4.88
C GLU A 280 9.27 19.35 -5.09
N PHE A 281 8.26 19.51 -4.22
CA PHE A 281 7.01 18.76 -4.30
C PHE A 281 6.38 18.74 -5.69
N GLN A 282 6.26 19.92 -6.31
CA GLN A 282 5.69 20.11 -7.64
C GLN A 282 6.71 19.74 -8.71
N PRO A 283 6.38 18.84 -9.67
CA PRO A 283 7.34 18.49 -10.74
C PRO A 283 7.89 19.67 -11.54
N SER A 284 7.04 20.66 -11.84
CA SER A 284 7.39 21.89 -12.59
C SER A 284 8.45 22.73 -11.89
N ASN A 285 8.54 22.60 -10.55
CA ASN A 285 9.46 23.33 -9.68
C ASN A 285 10.86 22.72 -9.56
N ARG A 286 11.00 21.42 -9.90
CA ARG A 286 12.28 20.72 -9.83
C ARG A 286 13.30 21.21 -10.85
N THR A 287 14.58 21.04 -10.49
CA THR A 287 15.71 21.35 -11.35
C THR A 287 15.65 20.36 -12.55
N SER A 288 16.44 20.61 -13.60
CA SER A 288 16.54 19.71 -14.74
C SER A 288 17.87 18.97 -14.63
N PHE A 289 18.08 17.91 -15.45
CA PHE A 289 19.34 17.18 -15.46
C PHE A 289 20.50 18.07 -15.90
N GLN A 290 20.22 19.01 -16.84
CA GLN A 290 21.21 19.98 -17.37
C GLN A 290 21.65 20.99 -16.32
N ASN A 291 20.72 21.42 -15.44
CA ASN A 291 21.06 22.36 -14.36
C ASN A 291 21.91 21.68 -13.28
N LEU A 292 21.55 20.44 -12.90
CA LEU A 292 22.30 19.62 -11.94
C LEU A 292 23.79 19.49 -12.38
N ILE A 293 24.01 19.18 -13.69
CA ILE A 293 25.32 19.07 -14.36
C ILE A 293 26.12 20.37 -14.18
N GLU A 294 25.50 21.53 -14.43
CA GLU A 294 26.12 22.85 -14.26
C GLU A 294 26.56 23.05 -12.80
N GLY A 295 25.67 22.71 -11.87
CA GLY A 295 25.94 22.81 -10.44
C GLY A 295 27.06 21.90 -9.98
N PHE A 296 27.13 20.64 -10.50
CA PHE A 296 28.18 19.68 -10.16
C PHE A 296 29.52 20.09 -10.77
N GLU A 297 29.51 20.52 -12.07
CA GLU A 297 30.74 20.97 -12.75
C GLU A 297 31.30 22.26 -12.14
N ALA A 298 30.42 23.11 -11.56
CA ALA A 298 30.80 24.37 -10.88
C ALA A 298 31.50 24.05 -9.56
N LEU A 299 31.12 22.93 -8.91
CA LEU A 299 31.71 22.48 -7.65
C LEU A 299 33.05 21.75 -7.85
N LEU A 300 33.27 21.17 -9.06
CA LEU A 300 34.46 20.39 -9.42
C LEU A 300 35.70 21.24 -9.75
N THR B 10 -17.15 -13.91 51.54
CA THR B 10 -17.05 -12.96 50.43
C THR B 10 -18.05 -13.28 49.30
N GLU B 11 -18.60 -12.21 48.67
CA GLU B 11 -19.60 -12.30 47.61
C GLU B 11 -19.05 -12.83 46.28
N VAL B 12 -19.93 -13.50 45.51
CA VAL B 12 -19.61 -14.04 44.18
C VAL B 12 -19.94 -12.92 43.17
N ASP B 13 -18.98 -12.58 42.29
CA ASP B 13 -19.15 -11.53 41.28
C ASP B 13 -19.79 -12.16 40.02
N PRO B 14 -20.97 -11.65 39.54
CA PRO B 14 -21.60 -12.26 38.34
C PRO B 14 -20.89 -11.95 37.01
N THR B 15 -19.89 -11.05 37.02
CA THR B 15 -19.07 -10.68 35.85
C THR B 15 -17.72 -11.44 35.86
N HIS B 16 -17.45 -12.24 36.91
CA HIS B 16 -16.22 -13.04 37.03
C HIS B 16 -16.51 -14.43 36.51
N PHE B 17 -15.86 -14.80 35.40
CA PHE B 17 -16.06 -16.10 34.77
C PHE B 17 -14.81 -16.93 34.98
N GLU B 18 -14.92 -18.10 35.68
CA GLU B 18 -13.75 -18.98 35.91
C GLU B 18 -13.40 -19.69 34.62
N LYS B 19 -12.11 -19.66 34.22
CA LYS B 19 -11.55 -20.31 33.02
C LYS B 19 -11.92 -21.80 32.99
N ARG B 20 -11.85 -22.48 34.16
CA ARG B 20 -12.17 -23.90 34.33
C ARG B 20 -13.60 -24.28 33.90
N PHE B 21 -14.51 -23.29 33.91
CA PHE B 21 -15.92 -23.43 33.57
C PHE B 21 -16.26 -22.91 32.17
N LEU B 22 -15.31 -22.18 31.56
CA LEU B 22 -15.44 -21.61 30.20
C LEU B 22 -14.97 -22.67 29.16
N LYS B 23 -15.92 -23.42 28.59
CA LYS B 23 -15.63 -24.50 27.65
C LYS B 23 -15.85 -24.04 26.21
N ARG B 24 -14.77 -24.04 25.40
CA ARG B 24 -14.80 -23.60 24.00
C ARG B 24 -15.56 -24.59 23.11
N ILE B 25 -16.48 -24.05 22.31
CA ILE B 25 -17.30 -24.81 21.36
C ILE B 25 -16.68 -24.64 19.96
N ARG B 26 -16.52 -23.38 19.50
CA ARG B 26 -15.99 -23.08 18.16
C ARG B 26 -15.54 -21.61 18.00
N ASP B 27 -14.68 -21.32 17.00
CA ASP B 27 -14.26 -19.96 16.68
C ASP B 27 -15.41 -19.31 15.88
N LEU B 28 -15.64 -18.01 16.10
CA LEU B 28 -16.67 -17.21 15.43
C LEU B 28 -16.02 -16.29 14.42
N GLY B 29 -14.84 -15.77 14.78
CA GLY B 29 -14.04 -14.90 13.95
C GLY B 29 -12.66 -14.67 14.54
N GLU B 30 -11.73 -14.26 13.66
CA GLU B 30 -10.34 -13.96 13.95
C GLU B 30 -10.07 -12.57 13.36
N GLY B 31 -9.17 -11.81 14.01
CA GLY B 31 -8.86 -10.45 13.54
C GLY B 31 -7.53 -9.84 13.92
N HIS B 32 -7.59 -8.65 14.52
CA HIS B 32 -6.43 -7.84 14.91
C HIS B 32 -5.70 -8.45 16.12
N PHE B 33 -4.88 -9.51 15.86
CA PHE B 33 -4.11 -10.30 16.85
C PHE B 33 -5.01 -10.98 17.92
N GLY B 34 -6.31 -10.67 17.86
CA GLY B 34 -7.35 -11.21 18.72
C GLY B 34 -8.25 -12.18 17.99
N LYS B 35 -9.17 -12.83 18.72
CA LYS B 35 -10.13 -13.82 18.22
C LYS B 35 -11.36 -13.90 19.11
N VAL B 36 -12.51 -14.22 18.51
CA VAL B 36 -13.78 -14.39 19.22
C VAL B 36 -14.22 -15.84 19.06
N GLU B 37 -14.58 -16.45 20.18
CA GLU B 37 -15.01 -17.85 20.26
C GLU B 37 -16.37 -17.95 20.89
N LEU B 38 -17.11 -19.00 20.52
CA LEU B 38 -18.36 -19.38 21.16
C LEU B 38 -17.96 -20.39 22.24
N CYS B 39 -18.27 -20.05 23.51
CA CYS B 39 -18.03 -20.89 24.68
C CYS B 39 -19.34 -21.09 25.41
N ARG B 40 -19.39 -22.10 26.28
CA ARG B 40 -20.53 -22.34 27.16
C ARG B 40 -19.97 -22.18 28.57
N TYR B 41 -20.49 -21.18 29.31
CA TYR B 41 -20.03 -21.03 30.68
C TYR B 41 -20.84 -22.00 31.50
N ASP B 42 -20.23 -23.16 31.80
CA ASP B 42 -20.87 -24.32 32.43
C ASP B 42 -20.39 -24.64 33.87
N PRO B 43 -20.65 -23.78 34.89
CA PRO B 43 -20.22 -24.12 36.26
C PRO B 43 -20.71 -25.46 36.83
N GLU B 44 -21.84 -26.01 36.29
CA GLU B 44 -22.42 -27.26 36.78
C GLU B 44 -21.93 -28.52 36.02
N GLY B 45 -21.18 -28.32 34.93
CA GLY B 45 -20.59 -29.37 34.11
C GLY B 45 -21.51 -30.39 33.43
N ASP B 46 -22.80 -30.03 33.22
CA ASP B 46 -23.78 -30.94 32.58
C ASP B 46 -24.30 -30.44 31.21
N ASN B 47 -23.65 -29.40 30.66
CA ASN B 47 -23.91 -28.75 29.38
C ASN B 47 -25.19 -27.88 29.38
N THR B 48 -25.57 -27.35 30.56
CA THR B 48 -26.76 -26.49 30.68
C THR B 48 -26.41 -24.99 30.77
N GLY B 49 -25.11 -24.69 30.92
CA GLY B 49 -24.57 -23.34 31.04
C GLY B 49 -24.89 -22.39 29.90
N GLU B 50 -24.81 -21.07 30.16
CA GLU B 50 -25.12 -20.08 29.14
C GLU B 50 -24.04 -19.96 28.05
N GLN B 51 -24.47 -19.79 26.80
CA GLN B 51 -23.55 -19.55 25.69
C GLN B 51 -23.13 -18.09 25.75
N VAL B 52 -21.84 -17.86 25.58
CA VAL B 52 -21.24 -16.55 25.62
C VAL B 52 -20.28 -16.44 24.44
N ALA B 53 -20.06 -15.21 23.96
CA ALA B 53 -19.04 -14.92 22.96
C ALA B 53 -17.84 -14.54 23.82
N VAL B 54 -16.63 -15.06 23.51
CA VAL B 54 -15.44 -14.81 24.32
C VAL B 54 -14.32 -14.29 23.42
N LYS B 55 -13.83 -13.05 23.66
CA LYS B 55 -12.75 -12.43 22.91
C LYS B 55 -11.45 -12.54 23.69
N SER B 56 -10.41 -13.07 23.04
CA SER B 56 -9.10 -13.19 23.64
C SER B 56 -8.02 -12.90 22.58
N LEU B 57 -6.76 -12.74 23.01
CA LEU B 57 -5.67 -12.51 22.08
C LEU B 57 -5.01 -13.83 21.72
N GLY B 62 2.25 -9.81 21.07
CA GLY B 62 2.62 -8.44 21.37
C GLY B 62 2.01 -7.94 22.66
N GLY B 63 2.85 -7.31 23.49
CA GLY B 63 2.46 -6.78 24.80
C GLY B 63 1.46 -5.65 24.73
N ASN B 64 1.69 -4.68 23.80
CA ASN B 64 0.81 -3.52 23.59
C ASN B 64 -0.61 -3.94 23.16
N HIS B 65 -0.76 -5.17 22.61
CA HIS B 65 -2.06 -5.72 22.18
C HIS B 65 -2.95 -6.09 23.38
N ILE B 66 -2.33 -6.38 24.56
CA ILE B 66 -3.03 -6.71 25.81
C ILE B 66 -3.69 -5.44 26.36
N ALA B 67 -2.94 -4.32 26.39
CA ALA B 67 -3.43 -3.00 26.83
C ALA B 67 -4.63 -2.54 25.98
N ASP B 68 -4.59 -2.81 24.67
CA ASP B 68 -5.68 -2.46 23.73
C ASP B 68 -6.95 -3.19 24.07
N LEU B 69 -6.82 -4.50 24.40
CA LEU B 69 -7.92 -5.37 24.79
C LEU B 69 -8.52 -4.91 26.12
N LYS B 70 -7.68 -4.62 27.12
CA LYS B 70 -8.08 -4.07 28.42
C LYS B 70 -8.82 -2.73 28.22
N LYS B 71 -8.39 -1.89 27.24
CA LYS B 71 -9.07 -0.62 26.94
C LYS B 71 -10.40 -0.88 26.27
N GLU B 72 -10.46 -1.92 25.42
CA GLU B 72 -11.67 -2.31 24.76
C GLU B 72 -12.72 -2.84 25.79
N ILE B 73 -12.25 -3.68 26.76
CA ILE B 73 -13.08 -4.26 27.84
C ILE B 73 -13.73 -3.15 28.66
N GLU B 74 -12.94 -2.15 29.01
CA GLU B 74 -13.35 -1.02 29.83
C GLU B 74 -14.34 -0.14 29.07
N ILE B 75 -14.15 -0.02 27.74
CA ILE B 75 -15.07 0.73 26.91
C ILE B 75 -16.44 0.01 26.87
N LEU B 76 -16.46 -1.30 26.55
CA LEU B 76 -17.71 -2.05 26.43
C LEU B 76 -18.45 -2.22 27.78
N ARG B 77 -17.72 -2.38 28.88
CA ARG B 77 -18.26 -2.50 30.22
C ARG B 77 -19.23 -1.34 30.57
N ASN B 78 -18.93 -0.13 30.03
CA ASN B 78 -19.67 1.10 30.30
C ASN B 78 -20.52 1.60 29.16
N LEU B 79 -20.80 0.74 28.16
CA LEU B 79 -21.69 1.12 27.07
C LEU B 79 -22.99 0.44 27.37
N TYR B 80 -24.09 1.21 27.41
CA TYR B 80 -25.44 0.70 27.69
C TYR B 80 -26.42 1.25 26.67
N HIS B 81 -26.78 0.41 25.69
CA HIS B 81 -27.71 0.78 24.62
C HIS B 81 -28.26 -0.49 24.01
N GLU B 82 -29.57 -0.45 23.68
CA GLU B 82 -30.35 -1.52 23.06
C GLU B 82 -29.68 -2.09 21.79
N ASN B 83 -28.95 -1.23 21.06
CA ASN B 83 -28.25 -1.55 19.82
C ASN B 83 -26.74 -1.66 19.97
N ILE B 84 -26.28 -1.99 21.18
CA ILE B 84 -24.88 -2.25 21.51
C ILE B 84 -24.86 -3.58 22.23
N VAL B 85 -24.03 -4.52 21.73
CA VAL B 85 -23.86 -5.87 22.31
C VAL B 85 -23.52 -5.76 23.80
N LYS B 86 -24.16 -6.62 24.62
CA LYS B 86 -24.00 -6.58 26.05
C LYS B 86 -22.74 -7.28 26.52
N TYR B 87 -21.98 -6.53 27.36
CA TYR B 87 -20.83 -6.94 28.14
C TYR B 87 -21.40 -7.92 29.19
N LYS B 88 -20.75 -9.09 29.40
CA LYS B 88 -21.16 -10.04 30.43
C LYS B 88 -20.10 -10.08 31.52
N GLY B 89 -18.85 -9.98 31.12
CA GLY B 89 -17.81 -10.00 32.11
C GLY B 89 -16.43 -10.21 31.57
N ILE B 90 -15.56 -10.69 32.49
CA ILE B 90 -14.16 -11.00 32.22
C ILE B 90 -13.72 -12.32 32.80
N CYS B 91 -12.76 -12.94 32.14
CA CYS B 91 -12.10 -14.13 32.62
C CYS B 91 -10.65 -13.68 32.79
N THR B 92 -10.11 -13.75 34.00
CA THR B 92 -8.72 -13.32 34.24
C THR B 92 -7.76 -14.51 34.42
N GLY B 98 -3.13 -11.79 31.59
CA GLY B 98 -4.05 -12.55 30.75
C GLY B 98 -5.49 -12.25 31.12
N ILE B 99 -6.32 -11.94 30.10
CA ILE B 99 -7.71 -11.55 30.25
C ILE B 99 -8.53 -11.93 29.01
N LYS B 100 -9.80 -12.31 29.23
CA LYS B 100 -10.75 -12.66 28.18
C LYS B 100 -11.97 -11.79 28.37
N LEU B 101 -12.52 -11.24 27.27
CA LEU B 101 -13.75 -10.44 27.28
C LEU B 101 -14.95 -11.36 27.03
N ILE B 102 -15.89 -11.43 27.98
CA ILE B 102 -17.09 -12.27 27.94
C ILE B 102 -18.25 -11.39 27.56
N MET B 103 -18.91 -11.68 26.42
CA MET B 103 -20.07 -10.92 25.94
C MET B 103 -21.25 -11.85 25.72
N GLU B 104 -22.46 -11.29 25.52
CA GLU B 104 -23.58 -12.15 25.18
C GLU B 104 -23.33 -12.75 23.78
N PHE B 105 -23.95 -13.89 23.50
CA PHE B 105 -23.81 -14.55 22.20
C PHE B 105 -25.05 -14.30 21.34
N LEU B 106 -24.86 -13.89 20.05
CA LEU B 106 -25.98 -13.63 19.17
C LEU B 106 -25.96 -14.70 18.09
N PRO B 107 -26.75 -15.82 18.30
CA PRO B 107 -26.65 -16.97 17.39
C PRO B 107 -26.96 -16.71 15.91
N SER B 108 -27.63 -15.59 15.57
CA SER B 108 -27.92 -15.25 14.17
C SER B 108 -26.70 -14.68 13.42
N GLY B 109 -25.60 -14.48 14.13
CA GLY B 109 -24.36 -13.95 13.54
C GLY B 109 -24.46 -12.49 13.19
N SER B 110 -23.57 -12.03 12.33
CA SER B 110 -23.60 -10.65 11.85
C SER B 110 -24.47 -10.61 10.60
N LEU B 111 -24.74 -9.39 10.10
CA LEU B 111 -25.46 -9.15 8.84
C LEU B 111 -24.78 -9.88 7.67
N LYS B 112 -23.45 -10.04 7.70
CA LYS B 112 -22.67 -10.76 6.70
C LYS B 112 -23.13 -12.23 6.52
N GLU B 113 -23.54 -12.88 7.61
CA GLU B 113 -24.05 -14.27 7.62
C GLU B 113 -25.56 -14.31 7.48
N TYR B 114 -26.23 -13.41 8.18
CA TYR B 114 -27.68 -13.43 8.25
C TYR B 114 -28.40 -12.91 7.03
N LEU B 115 -27.93 -11.80 6.42
CA LEU B 115 -28.63 -11.22 5.28
C LEU B 115 -28.72 -12.14 4.02
N PRO B 116 -27.65 -12.88 3.61
CA PRO B 116 -27.80 -13.74 2.40
C PRO B 116 -28.76 -14.91 2.61
N LYS B 117 -29.00 -15.30 3.86
CA LYS B 117 -29.88 -16.43 4.17
C LYS B 117 -31.31 -16.02 4.48
N ASN B 118 -31.58 -14.71 4.56
CA ASN B 118 -32.88 -14.21 5.01
C ASN B 118 -33.51 -13.11 4.14
N LYS B 119 -32.99 -12.87 2.92
CA LYS B 119 -33.50 -11.89 1.95
C LYS B 119 -35.04 -11.88 1.85
N ASN B 120 -35.65 -13.07 1.90
CA ASN B 120 -37.10 -13.22 1.81
C ASN B 120 -37.82 -12.54 2.96
N LYS B 121 -37.29 -12.66 4.20
CA LYS B 121 -37.85 -12.06 5.41
C LYS B 121 -37.56 -10.55 5.54
N ILE B 122 -36.42 -10.12 4.99
CA ILE B 122 -35.92 -8.74 5.13
C ILE B 122 -36.19 -7.90 3.90
N ASN B 123 -37.26 -7.10 3.94
CA ASN B 123 -37.60 -6.18 2.84
C ASN B 123 -36.93 -4.82 3.11
N LEU B 124 -37.14 -3.82 2.24
CA LEU B 124 -36.53 -2.49 2.39
C LEU B 124 -36.88 -1.82 3.73
N LYS B 125 -38.15 -1.92 4.13
CA LYS B 125 -38.63 -1.38 5.40
C LYS B 125 -37.79 -1.90 6.58
N GLN B 126 -37.51 -3.22 6.63
CA GLN B 126 -36.70 -3.84 7.68
C GLN B 126 -35.20 -3.40 7.58
N GLN B 127 -34.70 -3.20 6.37
CA GLN B 127 -33.34 -2.71 6.13
C GLN B 127 -33.21 -1.27 6.66
N LEU B 128 -34.22 -0.42 6.42
CA LEU B 128 -34.21 0.97 6.89
C LEU B 128 -34.32 1.01 8.42
N LYS B 129 -35.03 0.02 9.00
CA LYS B 129 -35.17 -0.12 10.45
C LYS B 129 -33.84 -0.50 11.09
N TYR B 130 -33.06 -1.39 10.45
CA TYR B 130 -31.70 -1.78 10.86
C TYR B 130 -30.76 -0.57 10.74
N ALA B 131 -30.89 0.21 9.63
CA ALA B 131 -30.08 1.41 9.36
C ALA B 131 -30.26 2.38 10.55
N VAL B 132 -31.53 2.64 10.95
CA VAL B 132 -31.92 3.46 12.11
C VAL B 132 -31.23 2.96 13.41
N GLN B 133 -31.34 1.64 13.70
CA GLN B 133 -30.76 1.02 14.90
C GLN B 133 -29.23 1.11 14.92
N ILE B 134 -28.59 0.97 13.74
CA ILE B 134 -27.13 1.11 13.59
C ILE B 134 -26.81 2.57 13.94
N CYS B 135 -27.54 3.57 13.33
CA CYS B 135 -27.29 4.99 13.65
C CYS B 135 -27.52 5.32 15.13
N LYS B 136 -28.56 4.75 15.79
CA LYS B 136 -28.83 4.96 17.22
C LYS B 136 -27.70 4.45 18.13
N GLY B 137 -27.17 3.26 17.88
CA GLY B 137 -26.06 2.74 18.67
C GLY B 137 -24.81 3.58 18.44
N MET B 138 -24.60 3.98 17.16
CA MET B 138 -23.48 4.80 16.69
C MET B 138 -23.51 6.20 17.26
N ASP B 139 -24.70 6.82 17.34
CA ASP B 139 -24.88 8.15 17.89
C ASP B 139 -24.62 8.16 19.41
N TYR B 140 -24.96 7.05 20.10
CA TYR B 140 -24.76 6.87 21.53
C TYR B 140 -23.25 6.78 21.80
N LEU B 141 -22.53 6.04 20.94
CA LEU B 141 -21.08 5.87 21.00
C LEU B 141 -20.42 7.22 20.82
N GLY B 142 -20.85 7.94 19.79
CA GLY B 142 -20.42 9.30 19.48
C GLY B 142 -20.67 10.32 20.55
N SER B 143 -21.83 10.23 21.24
CA SER B 143 -22.19 11.13 22.34
C SER B 143 -21.27 10.95 23.57
N ARG B 144 -20.70 9.74 23.72
CA ARG B 144 -19.74 9.42 24.78
C ARG B 144 -18.28 9.64 24.35
N GLN B 145 -18.11 10.38 23.22
CA GLN B 145 -16.84 10.78 22.61
C GLN B 145 -15.95 9.60 22.19
N TYR B 146 -16.55 8.62 21.51
CA TYR B 146 -15.78 7.50 20.96
C TYR B 146 -15.88 7.44 19.44
N VAL B 147 -14.78 7.05 18.79
CA VAL B 147 -14.75 6.78 17.37
C VAL B 147 -14.60 5.27 17.25
N HIS B 148 -15.52 4.64 16.52
CA HIS B 148 -15.58 3.19 16.35
C HIS B 148 -14.47 2.64 15.45
N ARG B 149 -14.25 3.28 14.29
CA ARG B 149 -13.18 2.97 13.32
C ARG B 149 -13.29 1.59 12.60
N ASP B 150 -14.36 0.83 12.84
CA ASP B 150 -14.50 -0.49 12.24
C ASP B 150 -15.98 -0.77 11.88
N LEU B 151 -16.76 0.29 11.61
CA LEU B 151 -18.20 0.13 11.30
C LEU B 151 -18.38 -0.53 9.92
N ALA B 152 -18.70 -1.83 9.98
CA ALA B 152 -18.92 -2.70 8.84
C ALA B 152 -20.01 -3.67 9.22
N ALA B 153 -20.68 -4.26 8.21
CA ALA B 153 -21.79 -5.24 8.35
C ALA B 153 -21.33 -6.50 9.09
N ARG B 154 -20.02 -6.85 9.01
CA ARG B 154 -19.45 -7.97 9.77
C ARG B 154 -19.54 -7.68 11.31
N ASN B 155 -19.66 -6.38 11.69
CA ASN B 155 -19.73 -5.95 13.10
C ASN B 155 -21.12 -5.54 13.51
N VAL B 156 -22.12 -5.78 12.65
CA VAL B 156 -23.52 -5.49 12.98
C VAL B 156 -24.12 -6.83 13.20
N LEU B 157 -24.34 -7.18 14.47
CA LEU B 157 -24.89 -8.46 14.88
C LEU B 157 -26.41 -8.49 14.89
N VAL B 158 -26.98 -9.63 14.52
CA VAL B 158 -28.42 -9.84 14.46
C VAL B 158 -28.94 -10.48 15.75
N GLU B 159 -29.70 -9.68 16.52
CA GLU B 159 -30.35 -10.09 17.76
C GLU B 159 -31.61 -10.92 17.45
N SER B 160 -32.43 -10.41 16.50
CA SER B 160 -33.68 -11.00 15.99
C SER B 160 -33.91 -10.42 14.60
N GLU B 161 -35.04 -10.72 13.93
CA GLU B 161 -35.26 -10.15 12.60
C GLU B 161 -35.66 -8.66 12.68
N HIS B 162 -36.01 -8.20 13.89
CA HIS B 162 -36.41 -6.83 14.21
C HIS B 162 -35.31 -6.07 14.95
N GLN B 163 -34.19 -6.73 15.31
CA GLN B 163 -33.18 -6.01 16.07
C GLN B 163 -31.71 -6.32 15.70
N VAL B 164 -30.93 -5.26 15.51
CA VAL B 164 -29.49 -5.36 15.28
C VAL B 164 -28.75 -4.61 16.38
N LYS B 165 -27.49 -4.99 16.60
CA LYS B 165 -26.62 -4.40 17.59
C LYS B 165 -25.22 -4.27 17.04
N ILE B 166 -24.55 -3.16 17.34
CA ILE B 166 -23.12 -3.01 17.03
C ILE B 166 -22.42 -4.01 17.96
N GLY B 167 -21.79 -5.00 17.38
CA GLY B 167 -21.24 -6.13 18.10
C GLY B 167 -19.76 -6.31 18.32
N ASP B 168 -18.92 -5.28 18.11
CA ASP B 168 -17.47 -5.38 18.35
C ASP B 168 -16.90 -3.97 18.42
N PHE B 169 -16.02 -3.72 19.40
CA PHE B 169 -15.40 -2.42 19.70
C PHE B 169 -13.85 -2.49 19.77
N GLY B 170 -13.30 -3.46 19.06
CA GLY B 170 -11.86 -3.71 18.99
C GLY B 170 -10.97 -2.59 18.48
N LEU B 171 -11.50 -1.64 17.68
CA LEU B 171 -10.75 -0.49 17.12
C LEU B 171 -11.23 0.87 17.72
N THR B 172 -12.22 0.85 18.62
CA THR B 172 -12.82 2.00 19.30
C THR B 172 -11.81 2.79 20.13
N LYS B 173 -11.81 4.10 19.90
CA LYS B 173 -10.88 5.01 20.53
C LYS B 173 -11.61 6.23 21.01
N ALA B 174 -11.15 6.79 22.12
CA ALA B 174 -11.71 8.00 22.70
C ALA B 174 -11.21 9.25 21.94
N ILE B 175 -12.10 10.24 21.71
CA ILE B 175 -11.67 11.53 21.13
C ILE B 175 -11.47 12.45 22.35
N GLU B 176 -10.33 13.16 22.41
CA GLU B 176 -10.05 14.12 23.49
C GLU B 176 -11.10 15.26 23.49
N THR B 177 -11.44 15.78 24.69
CA THR B 177 -12.42 16.84 24.96
C THR B 177 -12.29 18.04 24.00
N ASP B 178 -11.06 18.52 23.76
CA ASP B 178 -10.87 19.62 22.85
C ASP B 178 -11.09 19.16 21.39
N LYS B 179 -10.25 18.20 20.95
CA LYS B 179 -10.12 17.65 19.61
C LYS B 179 -11.40 17.09 18.97
N GLU B 180 -11.36 17.08 17.63
CA GLU B 180 -12.41 16.65 16.70
C GLU B 180 -12.08 15.26 16.16
N THR B 183 -5.75 10.46 16.28
CA THR B 183 -4.68 10.02 15.38
C THR B 183 -4.21 8.58 15.74
N VAL B 184 -4.31 7.66 14.77
CA VAL B 184 -3.89 6.25 14.95
C VAL B 184 -2.46 6.03 14.45
N LYS B 185 -1.73 5.10 15.10
CA LYS B 185 -0.38 4.68 14.69
C LYS B 185 -0.44 3.23 14.16
N ASP B 186 -1.21 2.34 14.83
CA ASP B 186 -1.34 0.95 14.39
C ASP B 186 -2.46 0.89 13.36
N ASP B 187 -2.12 1.23 12.09
CA ASP B 187 -3.06 1.27 10.94
C ASP B 187 -2.85 0.10 9.97
N ARG B 188 -1.95 -0.82 10.32
CA ARG B 188 -1.69 -2.06 9.63
C ARG B 188 -2.96 -2.88 9.93
N ASP B 189 -3.55 -3.47 8.86
CA ASP B 189 -4.81 -4.24 8.94
C ASP B 189 -6.06 -3.36 9.05
N SER B 190 -5.97 -2.09 8.61
CA SER B 190 -7.08 -1.14 8.55
C SER B 190 -8.13 -1.57 7.47
N PRO B 191 -9.47 -1.58 7.77
CA PRO B 191 -10.46 -1.88 6.73
C PRO B 191 -10.61 -0.66 5.80
N VAL B 192 -9.60 -0.44 4.96
CA VAL B 192 -9.46 0.68 4.03
C VAL B 192 -10.68 0.92 3.11
N PHE B 193 -11.38 -0.14 2.65
CA PHE B 193 -12.55 0.01 1.77
C PHE B 193 -13.80 0.53 2.49
N TRP B 194 -13.70 0.73 3.81
CA TRP B 194 -14.74 1.26 4.69
C TRP B 194 -14.32 2.64 5.19
N TYR B 195 -13.06 3.04 4.96
CA TYR B 195 -12.46 4.26 5.46
C TYR B 195 -12.65 5.51 4.62
N ALA B 196 -12.87 6.62 5.34
CA ALA B 196 -13.02 7.97 4.79
C ALA B 196 -11.65 8.48 4.28
N PRO B 197 -11.61 9.46 3.35
CA PRO B 197 -10.31 9.96 2.83
C PRO B 197 -9.30 10.44 3.89
N GLU B 198 -9.74 11.20 4.91
CA GLU B 198 -8.86 11.68 6.00
C GLU B 198 -8.19 10.52 6.77
N CYS B 199 -8.89 9.35 6.86
CA CYS B 199 -8.40 8.15 7.58
C CYS B 199 -7.28 7.49 6.79
N LEU B 200 -7.45 7.43 5.46
CA LEU B 200 -6.51 6.85 4.52
C LEU B 200 -5.31 7.77 4.31
N MET B 201 -5.55 9.08 4.18
CA MET B 201 -4.53 10.08 3.96
C MET B 201 -3.76 10.52 5.18
N GLN B 202 -4.44 10.76 6.31
CA GLN B 202 -3.75 11.33 7.47
C GLN B 202 -3.82 10.52 8.76
N SER B 203 -4.49 9.35 8.78
CA SER B 203 -4.66 8.52 9.99
C SER B 203 -5.49 9.22 11.10
N LYS B 204 -6.29 10.22 10.66
CA LYS B 204 -7.19 11.01 11.51
C LYS B 204 -8.57 10.34 11.48
N PHE B 205 -9.20 10.19 12.66
CA PHE B 205 -10.52 9.57 12.78
C PHE B 205 -11.47 10.48 13.50
N TYR B 206 -12.46 11.01 12.76
CA TYR B 206 -13.53 11.89 13.26
C TYR B 206 -14.81 11.09 13.46
N ILE B 207 -15.80 11.62 14.23
CA ILE B 207 -17.10 10.96 14.36
C ILE B 207 -17.66 10.84 12.94
N ALA B 208 -17.45 11.89 12.08
CA ALA B 208 -17.84 11.95 10.66
C ALA B 208 -17.20 10.83 9.81
N SER B 209 -16.05 10.27 10.27
CA SER B 209 -15.35 9.15 9.65
C SER B 209 -16.15 7.87 9.85
N ASP B 210 -16.82 7.74 11.02
CA ASP B 210 -17.73 6.63 11.31
C ASP B 210 -19.00 6.74 10.46
N VAL B 211 -19.42 8.00 10.15
CA VAL B 211 -20.59 8.32 9.30
C VAL B 211 -20.27 7.86 7.87
N TRP B 212 -19.00 8.04 7.42
CA TRP B 212 -18.57 7.56 6.12
C TRP B 212 -18.63 6.03 6.14
N SER B 213 -18.06 5.40 7.18
CA SER B 213 -18.09 3.93 7.31
C SER B 213 -19.52 3.44 7.36
N PHE B 214 -20.45 4.22 8.00
CA PHE B 214 -21.87 3.86 8.04
C PHE B 214 -22.47 3.80 6.62
N GLY B 215 -22.11 4.76 5.76
CA GLY B 215 -22.59 4.80 4.37
C GLY B 215 -22.27 3.52 3.61
N VAL B 216 -21.08 2.97 3.87
CA VAL B 216 -20.56 1.73 3.29
C VAL B 216 -21.28 0.53 3.88
N THR B 217 -21.57 0.57 5.20
CA THR B 217 -22.28 -0.48 5.93
C THR B 217 -23.69 -0.57 5.42
N LEU B 218 -24.29 0.61 5.12
CA LEU B 218 -25.65 0.73 4.62
C LEU B 218 -25.70 0.13 3.20
N HIS B 219 -24.74 0.49 2.37
CA HIS B 219 -24.60 -0.08 1.05
C HIS B 219 -24.59 -1.61 1.13
N GLU B 220 -23.84 -2.23 2.08
CA GLU B 220 -23.76 -3.68 2.30
C GLU B 220 -25.11 -4.27 2.68
N LEU B 221 -25.83 -3.56 3.56
CA LEU B 221 -27.13 -3.95 4.09
C LEU B 221 -28.14 -4.00 2.94
N LEU B 222 -28.16 -2.95 2.10
CA LEU B 222 -29.02 -2.89 0.94
C LEU B 222 -28.68 -3.94 -0.12
N THR B 223 -27.40 -4.42 -0.16
CA THR B 223 -26.98 -5.46 -1.11
C THR B 223 -27.08 -6.86 -0.46
N TYR B 224 -27.64 -6.96 0.79
CA TYR B 224 -27.81 -8.19 1.59
C TYR B 224 -26.49 -8.93 1.77
N CYS B 225 -25.40 -8.15 1.92
CA CYS B 225 -24.02 -8.61 2.10
C CYS B 225 -23.58 -9.64 1.06
N ASP B 226 -24.03 -9.46 -0.20
CA ASP B 226 -23.60 -10.32 -1.30
C ASP B 226 -22.09 -10.09 -1.53
N SER B 227 -21.33 -11.18 -1.51
CA SER B 227 -19.88 -11.17 -1.67
C SER B 227 -19.40 -10.47 -2.96
N ASP B 228 -20.10 -10.68 -4.08
CA ASP B 228 -19.76 -10.08 -5.38
C ASP B 228 -19.97 -8.56 -5.48
N SER B 229 -20.85 -8.00 -4.64
CA SER B 229 -21.19 -6.58 -4.60
C SER B 229 -20.65 -5.94 -3.32
N SER B 230 -19.68 -6.59 -2.66
CA SER B 230 -19.08 -6.08 -1.42
C SER B 230 -18.25 -4.84 -1.69
N PRO B 231 -18.14 -3.91 -0.72
CA PRO B 231 -17.33 -2.70 -0.93
C PRO B 231 -15.93 -2.94 -1.45
N MET B 232 -15.23 -4.02 -0.98
CA MET B 232 -13.89 -4.39 -1.48
C MET B 232 -14.00 -4.85 -2.95
N ALA B 233 -14.97 -5.73 -3.25
CA ALA B 233 -15.18 -6.28 -4.60
C ALA B 233 -15.46 -5.19 -5.64
N LEU B 234 -16.28 -4.20 -5.26
CA LEU B 234 -16.65 -3.08 -6.10
C LEU B 234 -15.55 -2.04 -6.26
N PHE B 235 -14.84 -1.70 -5.16
CA PHE B 235 -13.76 -0.75 -5.21
C PHE B 235 -12.59 -1.29 -6.03
N LEU B 236 -12.30 -2.61 -5.91
CA LEU B 236 -11.25 -3.24 -6.69
C LEU B 236 -11.62 -3.29 -8.16
N LYS B 237 -12.92 -3.25 -8.51
CA LYS B 237 -13.32 -3.22 -9.93
C LYS B 237 -13.05 -1.81 -10.48
N MET B 238 -13.33 -0.77 -9.66
CA MET B 238 -13.14 0.65 -9.99
C MET B 238 -11.68 1.01 -10.22
N ILE B 239 -10.82 0.74 -9.21
CA ILE B 239 -9.38 1.05 -9.16
C ILE B 239 -8.51 0.00 -9.86
N GLY B 240 -8.89 -1.28 -9.71
CA GLY B 240 -8.12 -2.40 -10.25
C GLY B 240 -7.73 -3.35 -9.13
N PRO B 241 -7.74 -4.69 -9.36
CA PRO B 241 -7.42 -5.61 -8.26
C PRO B 241 -5.96 -6.04 -8.12
N THR B 242 -5.05 -5.58 -9.00
CA THR B 242 -3.67 -6.04 -8.96
C THR B 242 -2.66 -4.88 -8.73
N HIS B 243 -2.93 -4.02 -7.75
CA HIS B 243 -2.03 -2.89 -7.46
C HIS B 243 -1.19 -3.12 -6.18
N GLY B 244 -1.58 -4.08 -5.35
CA GLY B 244 -0.85 -4.46 -4.15
C GLY B 244 -0.72 -3.31 -3.17
N GLN B 245 0.53 -2.91 -2.87
CA GLN B 245 0.86 -1.81 -1.97
C GLN B 245 0.33 -0.42 -2.41
N MET B 246 0.01 -0.28 -3.72
CA MET B 246 -0.47 0.96 -4.31
C MET B 246 -1.98 1.09 -4.26
N THR B 247 -2.69 0.06 -3.75
CA THR B 247 -4.17 0.03 -3.69
C THR B 247 -4.74 1.22 -2.94
N VAL B 248 -4.24 1.47 -1.71
CA VAL B 248 -4.75 2.55 -0.86
C VAL B 248 -4.59 3.94 -1.52
N THR B 249 -3.43 4.23 -2.12
CA THR B 249 -3.24 5.52 -2.80
C THR B 249 -4.11 5.60 -4.09
N ARG B 250 -4.38 4.47 -4.74
CA ARG B 250 -5.26 4.40 -5.91
C ARG B 250 -6.72 4.61 -5.47
N LEU B 251 -7.05 4.13 -4.25
CA LEU B 251 -8.34 4.31 -3.62
C LEU B 251 -8.54 5.79 -3.23
N VAL B 252 -7.50 6.42 -2.64
CA VAL B 252 -7.51 7.84 -2.27
C VAL B 252 -7.76 8.68 -3.53
N ASN B 253 -7.11 8.31 -4.64
CA ASN B 253 -7.22 8.97 -5.93
C ASN B 253 -8.62 8.94 -6.51
N THR B 254 -9.29 7.75 -6.59
CA THR B 254 -10.66 7.68 -7.13
C THR B 254 -11.68 8.45 -6.28
N LEU B 255 -11.54 8.40 -4.93
CA LEU B 255 -12.43 9.11 -4.00
C LEU B 255 -12.27 10.61 -4.15
N LYS B 256 -11.02 11.06 -4.42
CA LYS B 256 -10.67 12.45 -4.71
C LYS B 256 -11.35 12.92 -6.01
N GLU B 257 -11.51 12.00 -7.01
CA GLU B 257 -12.17 12.27 -8.30
C GLU B 257 -13.70 12.26 -8.19
N GLY B 258 -14.21 11.95 -6.99
CA GLY B 258 -15.65 11.94 -6.72
C GLY B 258 -16.33 10.61 -6.98
N LYS B 259 -15.55 9.54 -7.23
CA LYS B 259 -16.13 8.22 -7.47
C LYS B 259 -16.54 7.57 -6.15
N ARG B 260 -17.80 7.08 -6.12
CA ARG B 260 -18.38 6.42 -4.93
C ARG B 260 -19.00 5.12 -5.33
N LEU B 261 -19.28 4.23 -4.35
CA LEU B 261 -19.93 2.94 -4.59
C LEU B 261 -21.25 3.17 -5.34
N PRO B 262 -21.63 2.32 -6.32
CA PRO B 262 -22.85 2.64 -7.09
C PRO B 262 -24.12 2.41 -6.28
N CYS B 263 -25.28 2.69 -6.87
CA CYS B 263 -26.52 2.47 -6.16
C CYS B 263 -26.81 0.98 -6.07
N PRO B 264 -27.01 0.42 -4.84
CA PRO B 264 -27.39 -1.00 -4.75
C PRO B 264 -28.60 -1.26 -5.65
N PRO B 265 -28.72 -2.44 -6.31
CA PRO B 265 -29.91 -2.68 -7.13
C PRO B 265 -31.15 -2.67 -6.23
N ASN B 266 -32.28 -2.20 -6.77
CA ASN B 266 -33.57 -2.05 -6.07
C ASN B 266 -33.56 -0.95 -4.97
N CYS B 267 -32.40 -0.30 -4.71
CA CYS B 267 -32.34 0.76 -3.70
C CYS B 267 -32.86 2.07 -4.29
N PRO B 268 -33.98 2.64 -3.76
CA PRO B 268 -34.50 3.91 -4.33
C PRO B 268 -33.53 5.07 -4.15
N ASP B 269 -33.47 5.98 -5.12
CA ASP B 269 -32.58 7.16 -5.13
C ASP B 269 -32.58 7.95 -3.81
N GLU B 270 -33.74 8.08 -3.14
CA GLU B 270 -33.90 8.79 -1.85
C GLU B 270 -33.03 8.19 -0.76
N VAL B 271 -32.95 6.84 -0.71
CA VAL B 271 -32.11 6.09 0.25
C VAL B 271 -30.66 6.31 -0.16
N TYR B 272 -30.35 6.19 -1.48
CA TYR B 272 -29.01 6.41 -2.06
C TYR B 272 -28.47 7.82 -1.78
N GLN B 273 -29.35 8.84 -1.81
CA GLN B 273 -28.96 10.23 -1.55
C GLN B 273 -28.54 10.46 -0.10
N LEU B 274 -29.15 9.72 0.84
CA LEU B 274 -28.79 9.74 2.26
C LEU B 274 -27.44 9.07 2.44
N MET B 275 -27.18 8.01 1.64
CA MET B 275 -25.93 7.26 1.64
C MET B 275 -24.80 8.10 1.07
N ARG B 276 -25.08 8.88 0.01
CA ARG B 276 -24.15 9.80 -0.68
C ARG B 276 -23.71 10.93 0.23
N LYS B 277 -24.62 11.38 1.14
CA LYS B 277 -24.38 12.39 2.16
C LYS B 277 -23.37 11.89 3.22
N CYS B 278 -23.20 10.56 3.35
CA CYS B 278 -22.22 9.91 4.24
C CYS B 278 -20.85 9.98 3.55
N TRP B 279 -20.84 10.23 2.25
CA TRP B 279 -19.66 10.19 1.40
C TRP B 279 -19.23 11.54 0.83
N GLU B 280 -19.48 12.63 1.57
CA GLU B 280 -18.97 13.95 1.17
C GLU B 280 -17.47 13.88 1.50
N PHE B 281 -16.59 14.25 0.56
CA PHE B 281 -15.13 14.17 0.74
C PHE B 281 -14.65 14.76 2.07
N GLN B 282 -15.11 15.99 2.38
CA GLN B 282 -14.76 16.72 3.60
C GLN B 282 -15.58 16.22 4.77
N PRO B 283 -14.93 15.81 5.90
CA PRO B 283 -15.69 15.33 7.07
C PRO B 283 -16.77 16.28 7.60
N SER B 284 -16.46 17.61 7.62
CA SER B 284 -17.37 18.67 8.08
C SER B 284 -18.65 18.75 7.25
N ASN B 285 -18.59 18.29 5.98
CA ASN B 285 -19.69 18.31 5.02
C ASN B 285 -20.66 17.14 5.12
N ARG B 286 -20.24 16.03 5.75
CA ARG B 286 -21.05 14.83 5.92
C ARG B 286 -22.23 15.04 6.85
N THR B 287 -23.28 14.26 6.64
CA THR B 287 -24.47 14.22 7.46
C THR B 287 -24.04 13.68 8.85
N SER B 288 -24.92 13.80 9.85
CA SER B 288 -24.66 13.26 11.19
C SER B 288 -25.52 11.99 11.34
N PHE B 289 -25.26 11.17 12.39
CA PHE B 289 -26.08 9.99 12.66
C PHE B 289 -27.54 10.37 12.93
N GLN B 290 -27.74 11.53 13.62
CA GLN B 290 -29.03 12.14 13.97
C GLN B 290 -29.85 12.51 12.72
N ASN B 291 -29.19 13.08 11.68
CA ASN B 291 -29.86 13.47 10.44
C ASN B 291 -30.25 12.25 9.60
N LEU B 292 -29.35 11.23 9.51
CA LEU B 292 -29.61 9.96 8.84
C LEU B 292 -30.89 9.31 9.37
N ILE B 293 -31.05 9.26 10.72
CA ILE B 293 -32.20 8.76 11.48
C ILE B 293 -33.49 9.47 11.03
N GLU B 294 -33.44 10.82 10.96
CA GLU B 294 -34.58 11.64 10.52
C GLU B 294 -34.98 11.26 9.09
N GLY B 295 -33.98 11.14 8.20
CA GLY B 295 -34.16 10.74 6.81
C GLY B 295 -34.77 9.36 6.65
N PHE B 296 -34.29 8.37 7.46
CA PHE B 296 -34.79 6.99 7.43
C PHE B 296 -36.20 6.90 7.99
N GLU B 297 -36.46 7.58 9.14
CA GLU B 297 -37.80 7.58 9.77
C GLU B 297 -38.83 8.32 8.88
N ALA B 298 -38.38 9.30 8.06
CA ALA B 298 -39.24 10.04 7.13
C ALA B 298 -39.64 9.15 5.96
N LEU B 299 -38.76 8.19 5.58
CA LEU B 299 -39.02 7.24 4.50
C LEU B 299 -39.90 6.05 4.95
N LEU B 300 -39.90 5.74 6.28
CA LEU B 300 -40.66 4.63 6.88
C LEU B 300 -42.17 4.89 7.05
#